data_5CHM
#
_entry.id   5CHM
#
_cell.length_a   54.803
_cell.length_b   57.144
_cell.length_c   56.123
_cell.angle_alpha   90.000
_cell.angle_beta   95.980
_cell.angle_gamma   90.000
#
_symmetry.space_group_name_H-M   'P 1 21 1'
#
loop_
_entity.id
_entity.type
_entity.pdbx_description
1 polymer Beta-lactamase
2 non-polymer PINACOL[[2-AMINO-ALPHA-(1-CARBOXY-1-METHYLETHOXYIMINO)-4-THIAZOLEACETYL]AMINO]METHANEBORONATE
3 non-polymer 'ZINC ION'
4 non-polymer 'SODIUM ION'
5 non-polymer 'ACETATE ION'
6 water water
#
_entity_poly.entity_id   1
_entity_poly.type   'polypeptide(L)'
_entity_poly.pdbx_seq_one_letter_code
;GHMSGEAPLTATVDGIIQPMLKAYRIPGMAVAVLKDGKAHYFNYGVANRESGQRVSEQTLFEIGSVSKTLTATLGAYAAV
KGGFELDDKVSQHAPWLKGSAFDGVTMAELATYSAGGLPLQFPDEVDSNDKMQTYYRSWSPVYPAGTHRQYSNPSIGLFG
HLAANSLGQPFEQLMSQTLLPKLGLHHTYIQVPESAMANYAYGYSKEDKPIRATPGVLAAEAYGIKTGSADLLKFVEANM
GYQGDAALKSAIALTHTGFHSVGEMTQGLGWESYDYPVTEQVLLAGNSPAVSFQANPVTRFAVPKAMGEQRLYNKTGSTG
GFGAYVAFVPARGIAIVMLANRNYPIEARVKAAHAILSQLAE
;
_entity_poly.pdbx_strand_id   A
#
# COMPACT_ATOMS: atom_id res chain seq x y z
N PRO A 8 -10.77 13.12 -24.68
CA PRO A 8 -9.34 13.08 -25.06
C PRO A 8 -8.46 12.91 -23.82
N LEU A 9 -7.39 12.12 -23.96
CA LEU A 9 -6.70 11.58 -22.79
C LEU A 9 -5.69 12.53 -22.15
N THR A 10 -4.76 13.04 -22.95
CA THR A 10 -3.67 13.88 -22.44
C THR A 10 -4.17 15.18 -21.84
N ALA A 11 -4.99 15.91 -22.58
CA ALA A 11 -5.52 17.18 -22.11
C ALA A 11 -6.33 16.98 -20.84
N THR A 12 -6.97 15.82 -20.74
CA THR A 12 -7.72 15.46 -19.54
C THR A 12 -6.82 15.40 -18.31
N VAL A 13 -5.75 14.61 -18.39
CA VAL A 13 -4.87 14.41 -17.25
C VAL A 13 -4.21 15.74 -16.88
N ASP A 14 -3.59 16.38 -17.86
CA ASP A 14 -3.04 17.74 -17.74
C ASP A 14 -3.98 18.72 -17.02
N GLY A 15 -5.25 18.72 -17.43
CA GLY A 15 -6.23 19.65 -16.91
C GLY A 15 -6.49 19.42 -15.43
N ILE A 16 -6.40 18.18 -15.01
CA ILE A 16 -6.58 17.83 -13.60
C ILE A 16 -5.28 18.00 -12.82
N ILE A 17 -4.19 17.46 -13.37
CA ILE A 17 -2.93 17.35 -12.65
C ILE A 17 -2.19 18.67 -12.47
N GLN A 18 -1.98 19.39 -13.57
CA GLN A 18 -1.14 20.58 -13.54
C GLN A 18 -1.61 21.66 -12.56
N PRO A 19 -2.91 22.01 -12.56
CA PRO A 19 -3.33 22.98 -11.55
C PRO A 19 -3.02 22.50 -10.13
N MET A 20 -3.09 21.19 -9.91
CA MET A 20 -2.82 20.61 -8.60
C MET A 20 -1.35 20.75 -8.23
N LEU A 21 -0.47 20.60 -9.22
CA LEU A 21 0.95 20.74 -8.97
C LEU A 21 1.31 22.14 -8.51
N LYS A 22 0.71 23.14 -9.14
CA LYS A 22 0.98 24.52 -8.80
C LYS A 22 0.42 24.87 -7.44
N ALA A 23 -0.80 24.42 -7.16
CA ALA A 23 -1.48 24.77 -5.92
C ALA A 23 -0.78 24.22 -4.69
N TYR A 24 -0.23 23.01 -4.79
CA TYR A 24 0.43 22.37 -3.66
C TYR A 24 1.96 22.37 -3.78
N ARG A 25 2.48 23.08 -4.78
CA ARG A 25 3.92 23.25 -4.96
C ARG A 25 4.63 21.90 -5.10
N ILE A 26 4.03 21.01 -5.88
CA ILE A 26 4.57 19.68 -6.13
C ILE A 26 5.65 19.75 -7.20
N PRO A 27 6.91 19.47 -6.81
CA PRO A 27 8.04 19.62 -7.74
C PRO A 27 7.94 18.68 -8.93
N GLY A 28 7.51 17.45 -8.69
CA GLY A 28 7.42 16.47 -9.76
C GLY A 28 6.33 15.46 -9.52
N MET A 29 5.72 14.97 -10.59
CA MET A 29 4.78 13.86 -10.49
C MET A 29 4.80 12.96 -11.72
N ALA A 30 4.77 11.66 -11.46
CA ALA A 30 4.64 10.66 -12.50
C ALA A 30 3.24 10.07 -12.44
N VAL A 31 2.51 10.16 -13.55
CA VAL A 31 1.16 9.60 -13.62
C VAL A 31 1.10 8.51 -14.68
N ALA A 32 0.44 7.40 -14.36
CA ALA A 32 0.23 6.31 -15.32
C ALA A 32 -1.21 5.86 -15.23
N VAL A 33 -1.85 5.72 -16.38
CA VAL A 33 -3.23 5.26 -16.42
C VAL A 33 -3.35 4.02 -17.29
N LEU A 34 -4.28 3.15 -16.92
CA LEU A 34 -4.56 1.97 -17.69
C LEU A 34 -5.92 2.19 -18.35
N LYS A 35 -6.00 1.96 -19.65
CA LYS A 35 -7.26 2.07 -20.37
C LYS A 35 -7.20 1.28 -21.66
N ASP A 36 -8.27 0.55 -21.95
CA ASP A 36 -8.37 -0.29 -23.15
C ASP A 36 -7.17 -1.23 -23.30
N GLY A 37 -6.62 -1.67 -22.18
CA GLY A 37 -5.52 -2.62 -22.19
C GLY A 37 -4.13 -2.04 -22.36
N LYS A 38 -4.03 -0.71 -22.51
CA LYS A 38 -2.71 -0.09 -22.70
C LYS A 38 -2.35 0.84 -21.56
N ALA A 39 -1.06 0.92 -21.28
CA ALA A 39 -0.51 1.88 -20.32
C ALA A 39 -0.31 3.22 -21.02
N HIS A 40 -0.58 4.31 -20.30
CA HIS A 40 -0.31 5.65 -20.80
C HIS A 40 0.41 6.43 -19.72
N TYR A 41 1.52 7.06 -20.07
CA TYR A 41 2.34 7.77 -19.09
C TYR A 41 2.28 9.28 -19.25
N PHE A 42 2.07 9.98 -18.15
CA PHE A 42 2.10 11.44 -18.14
C PHE A 42 3.05 11.92 -17.04
N ASN A 43 4.08 12.66 -17.43
CA ASN A 43 5.14 13.06 -16.54
C ASN A 43 5.24 14.57 -16.38
N TYR A 44 5.45 15.02 -15.15
CA TYR A 44 5.46 16.46 -14.88
C TYR A 44 6.59 16.87 -13.93
N GLY A 45 7.26 17.97 -14.25
CA GLY A 45 8.19 18.59 -13.35
C GLY A 45 9.47 17.81 -13.14
N VAL A 46 10.02 17.92 -11.94
CA VAL A 46 11.37 17.43 -11.69
C VAL A 46 11.49 16.46 -10.52
N ALA A 47 12.39 15.50 -10.65
CA ALA A 47 12.67 14.54 -9.59
C ALA A 47 13.64 15.14 -8.55
N ASN A 48 14.45 16.08 -9.03
CA ASN A 48 15.48 16.73 -8.23
C ASN A 48 15.46 18.19 -8.62
N ARG A 49 14.97 19.05 -7.73
CA ARG A 49 14.69 20.45 -8.10
C ARG A 49 15.97 21.27 -8.24
N GLU A 50 17.03 20.79 -7.61
CA GLU A 50 18.33 21.47 -7.69
C GLU A 50 19.13 21.08 -8.93
N SER A 51 19.06 19.82 -9.37
CA SER A 51 19.72 19.43 -10.62
C SER A 51 18.78 19.67 -11.79
N GLY A 52 17.48 19.52 -11.55
CA GLY A 52 16.47 19.80 -12.56
C GLY A 52 16.11 18.60 -13.41
N GLN A 53 16.60 17.43 -13.02
CA GLN A 53 16.30 16.19 -13.74
C GLN A 53 14.79 15.95 -13.82
N ARG A 54 14.29 15.79 -15.04
CA ARG A 54 12.85 15.67 -15.28
C ARG A 54 12.30 14.31 -14.85
N VAL A 55 11.06 14.31 -14.38
CA VAL A 55 10.37 13.07 -14.02
C VAL A 55 10.04 12.21 -15.24
N SER A 56 10.28 10.91 -15.16
CA SER A 56 9.83 10.01 -16.21
C SER A 56 9.13 8.82 -15.56
N GLU A 57 8.57 7.92 -16.36
CA GLU A 57 7.90 6.74 -15.80
C GLU A 57 8.91 5.77 -15.18
N GLN A 58 10.21 6.08 -15.34
CA GLN A 58 11.26 5.26 -14.76
C GLN A 58 11.87 5.91 -13.51
N THR A 59 11.43 7.12 -13.18
CA THR A 59 11.87 7.80 -11.96
C THR A 59 11.39 7.04 -10.74
N LEU A 60 12.27 6.81 -9.77
CA LEU A 60 11.89 6.10 -8.55
C LEU A 60 11.32 7.05 -7.51
N PHE A 61 10.12 6.73 -7.02
CA PHE A 61 9.51 7.48 -5.94
C PHE A 61 9.35 6.60 -4.71
N GLU A 62 9.40 7.20 -3.54
CA GLU A 62 8.91 6.50 -2.36
C GLU A 62 7.40 6.45 -2.45
N ILE A 63 6.82 5.26 -2.39
CA ILE A 63 5.38 5.15 -2.48
C ILE A 63 4.72 4.95 -1.11
N GLY A 64 5.50 5.07 -0.03
CA GLY A 64 4.98 4.95 1.33
C GLY A 64 4.05 3.76 1.52
N SER A 65 2.88 3.97 2.14
CA SER A 65 2.02 2.83 2.42
C SER A 65 1.41 2.11 1.23
N VAL A 66 1.62 2.58 -0.01
CA VAL A 66 1.19 1.76 -1.13
C VAL A 66 1.96 0.42 -1.08
N SER A 67 3.12 0.44 -0.41
CA SER A 67 3.92 -0.76 -0.18
C SER A 67 3.12 -1.88 0.49
N LYS A 68 2.14 -1.51 1.31
CA LYS A 68 1.33 -2.48 2.05
C LYS A 68 0.61 -3.43 1.10
N THR A 69 0.28 -2.96 -0.09
CA THR A 69 -0.34 -3.84 -1.08
C THR A 69 0.63 -4.91 -1.58
N LEU A 70 1.92 -4.56 -1.67
CA LEU A 70 2.89 -5.58 -2.05
C LEU A 70 3.15 -6.53 -0.89
N THR A 71 3.25 -5.96 0.31
CA THR A 71 3.45 -6.76 1.51
C THR A 71 2.29 -7.74 1.63
N ALA A 72 1.08 -7.26 1.41
CA ALA A 72 -0.10 -8.09 1.51
C ALA A 72 -0.05 -9.22 0.48
N THR A 73 0.44 -8.90 -0.70
CA THR A 73 0.55 -9.90 -1.76
C THR A 73 1.60 -10.94 -1.36
N LEU A 74 2.73 -10.50 -0.80
CA LEU A 74 3.73 -11.43 -0.31
C LEU A 74 3.11 -12.33 0.76
N GLY A 75 2.37 -11.72 1.68
CA GLY A 75 1.69 -12.48 2.72
C GLY A 75 0.72 -13.50 2.17
N ALA A 76 -0.09 -13.09 1.20
CA ALA A 76 -1.03 -14.01 0.54
C ALA A 76 -0.28 -15.13 -0.14
N TYR A 77 0.82 -14.77 -0.80
CA TYR A 77 1.62 -15.76 -1.49
C TYR A 77 2.11 -16.82 -0.49
N ALA A 78 2.62 -16.38 0.66
CA ALA A 78 3.11 -17.30 1.70
C ALA A 78 1.99 -18.22 2.19
N ALA A 79 0.82 -17.63 2.37
CA ALA A 79 -0.38 -18.40 2.74
C ALA A 79 -0.72 -19.45 1.68
N VAL A 80 -0.73 -19.05 0.42
CA VAL A 80 -1.07 -19.97 -0.68
C VAL A 80 -0.05 -21.11 -0.78
N LYS A 81 1.20 -20.80 -0.49
CA LYS A 81 2.26 -21.81 -0.51
C LYS A 81 2.28 -22.66 0.75
N GLY A 82 1.40 -22.34 1.70
CA GLY A 82 1.26 -23.17 2.88
C GLY A 82 2.15 -22.82 4.09
N GLY A 83 2.69 -21.61 4.12
CA GLY A 83 3.46 -21.18 5.26
C GLY A 83 2.59 -20.96 6.49
N PHE A 84 1.35 -20.54 6.26
CA PHE A 84 0.41 -20.32 7.35
C PHE A 84 -1.00 -20.25 6.78
N GLU A 85 -2.00 -20.35 7.66
CA GLU A 85 -3.38 -20.07 7.25
C GLU A 85 -3.81 -18.72 7.83
N LEU A 86 -4.61 -17.97 7.08
CA LEU A 86 -4.99 -16.63 7.48
C LEU A 86 -5.66 -16.62 8.85
N ASP A 87 -6.29 -17.75 9.19
CA ASP A 87 -7.02 -17.84 10.46
C ASP A 87 -6.17 -18.43 11.59
N ASP A 88 -4.90 -18.73 11.31
CA ASP A 88 -3.98 -19.15 12.38
C ASP A 88 -3.78 -18.04 13.41
N LYS A 89 -3.63 -18.42 14.67
CA LYS A 89 -3.21 -17.48 15.69
C LYS A 89 -1.78 -17.01 15.40
N VAL A 90 -1.52 -15.73 15.63
CA VAL A 90 -0.23 -15.12 15.32
C VAL A 90 0.93 -15.85 16.01
N SER A 91 0.73 -16.29 17.23
CA SER A 91 1.79 -16.96 17.93
C SER A 91 2.08 -18.33 17.40
N GLN A 92 1.20 -18.88 16.57
CA GLN A 92 1.52 -20.12 15.93
C GLN A 92 2.73 -19.93 15.05
N HIS A 93 2.97 -18.69 14.66
CA HIS A 93 4.00 -18.40 13.71
C HIS A 93 5.05 -17.48 14.21
N ALA A 94 5.12 -17.40 15.51
CA ALA A 94 6.04 -16.51 16.21
C ALA A 94 6.29 -17.08 17.59
N PRO A 95 7.27 -17.99 17.69
CA PRO A 95 7.57 -18.68 18.95
C PRO A 95 7.75 -17.70 20.11
N TRP A 96 8.39 -16.56 19.84
CA TRP A 96 8.62 -15.56 20.86
C TRP A 96 7.33 -14.84 21.30
N LEU A 97 6.22 -15.06 20.62
CA LEU A 97 4.94 -14.46 20.99
C LEU A 97 4.01 -15.42 21.74
N LYS A 98 4.40 -16.68 21.86
CA LYS A 98 3.58 -17.66 22.60
C LYS A 98 3.38 -17.18 24.03
N GLY A 99 2.13 -17.20 24.50
CA GLY A 99 1.83 -16.74 25.85
C GLY A 99 1.44 -15.28 25.91
N SER A 100 1.58 -14.57 24.80
CA SER A 100 1.21 -13.16 24.72
C SER A 100 -0.22 -12.99 24.26
N ALA A 101 -0.67 -11.75 24.13
CA ALA A 101 -2.00 -11.48 23.59
C ALA A 101 -2.14 -12.02 22.18
N PHE A 102 -1.02 -12.31 21.53
CA PHE A 102 -1.09 -12.75 20.14
C PHE A 102 -1.43 -14.25 20.07
N ASP A 103 -1.67 -14.85 21.23
CA ASP A 103 -2.31 -16.15 21.29
C ASP A 103 -3.75 -16.02 20.81
N GLY A 104 -4.28 -14.81 20.87
CA GLY A 104 -5.70 -14.57 20.62
C GLY A 104 -5.98 -13.73 19.39
N VAL A 105 -4.96 -13.55 18.56
CA VAL A 105 -5.06 -12.76 17.34
C VAL A 105 -4.72 -13.61 16.12
N THR A 106 -5.47 -13.47 15.03
CA THR A 106 -5.19 -14.23 13.82
C THR A 106 -4.28 -13.47 12.88
N MET A 107 -3.70 -14.19 11.93
CA MET A 107 -2.84 -13.55 10.93
C MET A 107 -3.65 -12.57 10.11
N ALA A 108 -4.89 -12.94 9.78
CA ALA A 108 -5.77 -12.09 9.00
C ALA A 108 -6.11 -10.78 9.74
N GLU A 109 -6.33 -10.88 11.04
CA GLU A 109 -6.59 -9.67 11.83
C GLU A 109 -5.37 -8.74 11.84
N LEU A 110 -4.20 -9.34 11.96
CA LEU A 110 -2.98 -8.58 11.95
C LEU A 110 -2.83 -7.84 10.59
N ALA A 111 -3.14 -8.53 9.50
CA ALA A 111 -3.01 -7.94 8.16
C ALA A 111 -4.01 -6.80 7.93
N THR A 112 -5.17 -6.90 8.58
CA THR A 112 -6.26 -5.95 8.33
C THR A 112 -6.46 -4.92 9.46
N TYR A 113 -5.43 -4.74 10.29
CA TYR A 113 -5.40 -3.72 11.34
C TYR A 113 -6.50 -3.93 12.40
N SER A 114 -6.89 -5.18 12.62
CA SER A 114 -7.99 -5.45 13.55
C SER A 114 -7.58 -6.36 14.72
N ALA A 115 -6.29 -6.40 15.01
CA ALA A 115 -5.76 -7.15 16.15
C ALA A 115 -6.26 -6.67 17.51
N GLY A 116 -6.62 -5.40 17.62
CA GLY A 116 -7.15 -4.89 18.88
C GLY A 116 -6.54 -3.59 19.36
N GLY A 117 -6.21 -2.71 18.43
CA GLY A 117 -5.73 -1.39 18.81
C GLY A 117 -4.23 -1.17 18.76
N LEU A 118 -3.54 -1.93 17.91
CA LEU A 118 -2.13 -1.61 17.64
C LEU A 118 -2.07 -0.20 17.06
N PRO A 119 -1.08 0.60 17.48
CA PRO A 119 -1.11 2.01 17.11
C PRO A 119 -0.60 2.23 15.70
N LEU A 120 -0.81 3.45 15.19
CA LEU A 120 -0.34 3.84 13.88
C LEU A 120 1.18 3.61 13.71
N GLN A 121 1.96 4.12 14.66
CA GLN A 121 3.43 3.98 14.66
C GLN A 121 3.92 3.22 15.89
N PHE A 122 5.09 2.61 15.79
CA PHE A 122 5.72 2.08 16.99
C PHE A 122 5.92 3.21 17.98
N PRO A 123 5.81 2.87 19.28
CA PRO A 123 6.09 3.90 20.28
C PRO A 123 7.55 4.37 20.19
N ASP A 124 7.78 5.59 20.66
CA ASP A 124 9.10 6.23 20.79
C ASP A 124 10.37 5.41 20.50
N GLU A 125 10.73 4.59 21.47
CA GLU A 125 12.00 3.89 21.50
C GLU A 125 11.80 2.41 21.20
N VAL A 126 10.70 2.06 20.56
CA VAL A 126 10.58 0.72 20.02
C VAL A 126 11.24 0.78 18.64
N ASP A 127 12.56 0.65 18.63
CA ASP A 127 13.31 0.92 17.41
C ASP A 127 14.54 0.04 17.26
N SER A 128 14.49 -1.15 17.85
CA SER A 128 15.44 -2.20 17.55
C SER A 128 14.65 -3.49 17.46
N ASN A 129 15.21 -4.51 16.83
CA ASN A 129 14.54 -5.81 16.79
C ASN A 129 14.27 -6.35 18.19
N ASP A 130 15.24 -6.26 19.09
CA ASP A 130 15.02 -6.79 20.42
C ASP A 130 13.93 -6.02 21.18
N LYS A 131 13.83 -4.71 20.99
CA LYS A 131 12.83 -3.95 21.71
C LYS A 131 11.47 -4.09 21.04
N MET A 132 11.49 -4.37 19.74
CA MET A 132 10.28 -4.65 19.00
C MET A 132 9.66 -5.94 19.51
N GLN A 133 10.49 -6.96 19.70
CA GLN A 133 10.00 -8.22 20.23
C GLN A 133 9.41 -8.06 21.63
N THR A 134 10.10 -7.33 22.49
CA THR A 134 9.59 -7.08 23.85
C THR A 134 8.26 -6.32 23.79
N TYR A 135 8.15 -5.38 22.86
CA TYR A 135 6.94 -4.60 22.66
C TYR A 135 5.70 -5.45 22.33
N TYR A 136 5.81 -6.29 21.31
CA TYR A 136 4.71 -7.18 20.96
C TYR A 136 4.41 -8.15 22.09
N ARG A 137 5.46 -8.66 22.73
CA ARG A 137 5.31 -9.61 23.82
C ARG A 137 4.52 -9.03 24.99
N SER A 138 4.70 -7.73 25.25
CA SER A 138 4.10 -7.10 26.43
CA SER A 138 4.11 -7.10 26.43
C SER A 138 2.88 -6.26 26.10
N TRP A 139 2.45 -6.30 24.85
CA TRP A 139 1.28 -5.54 24.39
C TRP A 139 -0.02 -6.00 25.04
N SER A 140 -0.82 -5.03 25.45
CA SER A 140 -2.13 -5.31 26.03
C SER A 140 -3.22 -4.78 25.09
N PRO A 141 -4.10 -5.67 24.61
CA PRO A 141 -5.12 -5.28 23.63
C PRO A 141 -6.00 -4.15 24.14
N VAL A 142 -6.31 -3.18 23.29
CA VAL A 142 -7.24 -2.14 23.66
C VAL A 142 -8.69 -2.61 23.42
N TYR A 143 -8.87 -3.41 22.37
CA TYR A 143 -10.17 -3.95 21.94
C TYR A 143 -10.07 -5.45 21.74
N PRO A 144 -11.20 -6.17 21.87
CA PRO A 144 -11.18 -7.59 21.51
C PRO A 144 -10.76 -7.77 20.05
N ALA A 145 -10.09 -8.89 19.74
CA ALA A 145 -9.62 -9.12 18.37
C ALA A 145 -10.78 -9.12 17.36
N GLY A 146 -10.57 -8.47 16.23
CA GLY A 146 -11.51 -8.51 15.13
C GLY A 146 -12.65 -7.53 15.22
N THR A 147 -12.69 -6.71 16.29
CA THR A 147 -13.81 -5.78 16.46
C THR A 147 -13.53 -4.35 15.99
N HIS A 148 -12.27 -3.96 15.95
CA HIS A 148 -11.94 -2.58 15.62
C HIS A 148 -10.83 -2.48 14.62
N ARG A 149 -10.97 -1.52 13.71
CA ARG A 149 -9.95 -1.26 12.72
C ARG A 149 -9.21 -0.01 13.14
N GLN A 150 -7.90 -0.14 13.30
CA GLN A 150 -7.04 0.99 13.62
C GLN A 150 -5.81 0.85 12.76
N TYR A 151 -5.73 1.69 11.74
CA TYR A 151 -4.68 1.64 10.71
C TYR A 151 -3.32 1.68 11.39
N SER A 152 -2.44 0.74 11.06
CA SER A 152 -1.29 0.49 11.95
C SER A 152 -0.08 -0.09 11.22
N ASN A 153 1.04 0.61 11.30
CA ASN A 153 2.27 0.09 10.72
C ASN A 153 2.78 -1.14 11.47
N PRO A 154 2.76 -1.09 12.83
CA PRO A 154 3.12 -2.32 13.56
C PRO A 154 2.31 -3.55 13.20
N SER A 155 1.04 -3.36 12.88
CA SER A 155 0.14 -4.47 12.63
C SER A 155 0.47 -5.23 11.35
N ILE A 156 0.45 -4.52 10.23
CA ILE A 156 0.72 -5.17 8.95
C ILE A 156 2.23 -5.43 8.79
N GLY A 157 3.04 -4.66 9.51
CA GLY A 157 4.48 -4.88 9.52
C GLY A 157 4.80 -6.27 10.05
N LEU A 158 4.22 -6.60 11.20
CA LEU A 158 4.43 -7.90 11.81
C LEU A 158 3.89 -9.01 10.90
N PHE A 159 2.77 -8.72 10.24
CA PHE A 159 2.18 -9.68 9.32
C PHE A 159 3.18 -10.05 8.21
N GLY A 160 3.75 -9.05 7.55
CA GLY A 160 4.72 -9.29 6.49
C GLY A 160 5.95 -10.03 6.97
N HIS A 161 6.42 -9.62 8.13
CA HIS A 161 7.61 -10.23 8.74
C HIS A 161 7.41 -11.72 9.02
N LEU A 162 6.33 -12.05 9.74
CA LEU A 162 6.02 -13.44 10.07
C LEU A 162 5.66 -14.26 8.83
N ALA A 163 4.97 -13.64 7.89
CA ALA A 163 4.64 -14.32 6.64
C ALA A 163 5.90 -14.76 5.88
N ALA A 164 6.86 -13.85 5.74
CA ALA A 164 8.14 -14.19 5.09
C ALA A 164 8.88 -15.25 5.90
N ASN A 165 8.82 -15.14 7.22
CA ASN A 165 9.49 -16.12 8.06
C ASN A 165 8.87 -17.51 7.91
N SER A 166 7.57 -17.58 7.63
CA SER A 166 6.90 -18.86 7.48
C SER A 166 7.40 -19.62 6.23
N LEU A 167 8.04 -18.92 5.30
CA LEU A 167 8.70 -19.57 4.16
C LEU A 167 10.22 -19.70 4.38
N GLY A 168 10.68 -19.37 5.58
CA GLY A 168 12.09 -19.52 5.92
C GLY A 168 13.03 -18.43 5.41
N GLN A 169 12.48 -17.27 5.06
CA GLN A 169 13.28 -16.17 4.52
C GLN A 169 12.97 -14.81 5.16
N PRO A 170 13.99 -13.94 5.23
CA PRO A 170 13.76 -12.54 5.58
C PRO A 170 12.81 -11.88 4.60
N PHE A 171 12.04 -10.91 5.07
CA PHE A 171 11.04 -10.25 4.23
C PHE A 171 11.66 -9.71 2.94
N GLU A 172 12.74 -8.96 3.09
CA GLU A 172 13.40 -8.32 1.95
C GLU A 172 13.87 -9.31 0.89
N GLN A 173 14.37 -10.46 1.33
CA GLN A 173 14.82 -11.47 0.39
C GLN A 173 13.65 -12.08 -0.39
N LEU A 174 12.57 -12.41 0.33
CA LEU A 174 11.41 -13.00 -0.31
C LEU A 174 10.80 -12.01 -1.29
N MET A 175 10.79 -10.75 -0.90
CA MET A 175 10.25 -9.70 -1.78
C MET A 175 11.14 -9.52 -3.02
N SER A 176 12.43 -9.33 -2.81
CA SER A 176 13.29 -8.99 -3.94
C SER A 176 13.66 -10.17 -4.83
N GLN A 177 13.72 -11.37 -4.28
CA GLN A 177 14.19 -12.53 -5.05
C GLN A 177 13.05 -13.39 -5.58
N THR A 178 11.87 -13.25 -4.99
CA THR A 178 10.73 -14.07 -5.44
C THR A 178 9.52 -13.28 -5.90
N LEU A 179 8.98 -12.43 -5.03
CA LEU A 179 7.71 -11.81 -5.38
C LEU A 179 7.81 -10.75 -6.48
N LEU A 180 8.73 -9.80 -6.34
CA LEU A 180 8.86 -8.76 -7.35
C LEU A 180 9.25 -9.35 -8.73
N PRO A 181 10.24 -10.27 -8.78
CA PRO A 181 10.50 -10.83 -10.11
C PRO A 181 9.33 -11.62 -10.71
N LYS A 182 8.55 -12.33 -9.89
CA LYS A 182 7.44 -13.10 -10.43
C LYS A 182 6.32 -12.20 -10.94
N LEU A 183 6.21 -11.00 -10.38
CA LEU A 183 5.21 -10.04 -10.84
C LEU A 183 5.73 -9.24 -12.03
N GLY A 184 6.97 -9.52 -12.45
CA GLY A 184 7.56 -8.85 -13.60
C GLY A 184 8.08 -7.46 -13.29
N LEU A 185 8.29 -7.19 -12.01
CA LEU A 185 8.72 -5.88 -11.55
C LEU A 185 10.22 -5.89 -11.30
N HIS A 186 11.01 -5.53 -12.30
CA HIS A 186 12.46 -5.58 -12.16
C HIS A 186 13.08 -4.21 -11.85
N HIS A 187 12.23 -3.19 -11.65
CA HIS A 187 12.71 -1.85 -11.28
C HIS A 187 12.00 -1.32 -10.04
N THR A 188 11.77 -2.22 -9.09
CA THR A 188 11.08 -1.92 -7.86
C THR A 188 11.92 -2.41 -6.68
N TYR A 189 12.13 -1.56 -5.67
CA TYR A 189 13.11 -1.85 -4.64
C TYR A 189 12.70 -1.51 -3.21
N ILE A 190 13.16 -2.32 -2.27
CA ILE A 190 13.15 -1.95 -0.86
C ILE A 190 14.41 -1.12 -0.54
N GLN A 191 15.54 -1.57 -1.07
CA GLN A 191 16.77 -0.78 -1.01
C GLN A 191 17.29 -0.53 -2.42
N VAL A 192 17.36 0.75 -2.80
CA VAL A 192 17.72 1.13 -4.15
C VAL A 192 19.22 0.93 -4.35
N PRO A 193 19.58 0.02 -5.27
CA PRO A 193 20.99 -0.26 -5.60
C PRO A 193 21.71 0.95 -6.16
N GLU A 194 23.03 0.95 -6.04
CA GLU A 194 23.82 2.04 -6.58
CA GLU A 194 23.85 2.02 -6.59
C GLU A 194 23.55 2.21 -8.07
N SER A 195 23.45 1.08 -8.79
CA SER A 195 23.17 1.08 -10.22
C SER A 195 21.89 1.83 -10.62
N ALA A 196 20.96 2.00 -9.68
CA ALA A 196 19.70 2.66 -9.97
C ALA A 196 19.55 4.01 -9.29
N MET A 197 20.54 4.38 -8.46
CA MET A 197 20.43 5.59 -7.65
C MET A 197 20.24 6.85 -8.49
N ALA A 198 20.65 6.80 -9.76
CA ALA A 198 20.49 7.95 -10.63
C ALA A 198 19.01 8.27 -10.87
N ASN A 199 18.16 7.26 -10.79
CA ASN A 199 16.73 7.39 -11.04
C ASN A 199 15.89 7.80 -9.83
N TYR A 200 16.50 7.78 -8.64
CA TYR A 200 15.80 8.01 -7.38
C TYR A 200 15.58 9.51 -7.16
N ALA A 201 14.32 9.91 -7.15
CA ALA A 201 13.91 11.29 -6.87
C ALA A 201 14.29 11.75 -5.46
N TYR A 202 14.27 13.05 -5.24
CA TYR A 202 14.30 13.56 -3.88
C TYR A 202 12.89 13.93 -3.45
N GLY A 203 12.57 13.65 -2.19
CA GLY A 203 11.34 14.11 -1.60
C GLY A 203 11.53 15.51 -1.07
N TYR A 204 10.44 16.25 -0.91
CA TYR A 204 10.57 17.60 -0.39
C TYR A 204 9.61 17.84 0.77
N SER A 205 10.19 18.24 1.89
CA SER A 205 9.47 18.41 3.13
C SER A 205 8.57 19.63 3.11
N LYS A 206 7.84 19.83 4.21
CA LYS A 206 6.99 21.00 4.36
C LYS A 206 7.86 22.27 4.33
N GLU A 207 9.12 22.13 4.70
CA GLU A 207 10.04 23.26 4.73
C GLU A 207 10.92 23.33 3.47
N ASP A 208 10.57 22.50 2.51
CA ASP A 208 11.19 22.50 1.22
C ASP A 208 12.60 22.01 1.22
N LYS A 209 12.99 21.24 2.21
CA LYS A 209 14.29 20.58 2.24
C LYS A 209 14.19 19.23 1.54
N PRO A 210 15.20 18.90 0.72
CA PRO A 210 15.26 17.57 0.12
C PRO A 210 15.41 16.46 1.16
N ILE A 211 14.57 15.44 1.10
CA ILE A 211 14.60 14.36 2.07
C ILE A 211 14.27 13.01 1.45
N ARG A 212 14.76 11.95 2.09
CA ARG A 212 14.42 10.59 1.70
C ARG A 212 14.13 9.77 2.96
N ALA A 213 13.24 8.79 2.83
CA ALA A 213 12.88 7.94 3.97
C ALA A 213 14.08 7.11 4.45
N THR A 214 14.14 6.90 5.77
CA THR A 214 15.21 6.13 6.39
C THR A 214 14.69 4.77 6.84
N PRO A 215 15.58 3.78 6.97
CA PRO A 215 15.13 2.46 7.44
C PRO A 215 14.70 2.51 8.89
N GLY A 216 13.65 1.77 9.22
CA GLY A 216 13.17 1.67 10.58
C GLY A 216 12.71 0.25 10.83
N VAL A 217 12.26 -0.01 12.06
CA VAL A 217 11.77 -1.32 12.42
C VAL A 217 10.51 -1.64 11.60
N LEU A 218 10.59 -2.70 10.81
CA LEU A 218 9.50 -3.14 9.91
C LEU A 218 9.10 -2.09 8.88
N ALA A 219 10.02 -1.18 8.57
CA ALA A 219 9.76 -0.12 7.61
C ALA A 219 9.57 -0.66 6.18
N ALA A 220 10.36 -1.67 5.83
CA ALA A 220 10.27 -2.30 4.52
C ALA A 220 8.84 -2.79 4.31
N GLU A 221 8.35 -3.54 5.28
CA GLU A 221 7.02 -4.10 5.24
C GLU A 221 5.93 -3.05 5.18
N ALA A 222 6.11 -1.94 5.86
CA ALA A 222 4.97 -1.03 6.08
C ALA A 222 4.94 0.12 5.07
N TYR A 223 6.11 0.55 4.59
CA TYR A 223 6.16 1.72 3.69
C TYR A 223 7.47 1.88 2.93
N GLY A 224 8.17 0.77 2.68
CA GLY A 224 9.53 0.85 2.22
C GLY A 224 9.83 0.73 0.74
N ILE A 225 8.82 0.57 -0.11
CA ILE A 225 9.06 0.39 -1.55
C ILE A 225 9.37 1.68 -2.30
N LYS A 226 10.42 1.63 -3.13
CA LYS A 226 10.69 2.67 -4.11
C LYS A 226 10.40 2.10 -5.50
N THR A 227 9.69 2.85 -6.31
CA THR A 227 9.38 2.40 -7.66
C THR A 227 8.90 3.57 -8.49
N GLY A 228 8.89 3.38 -9.81
CA GLY A 228 8.32 4.34 -10.73
C GLY A 228 6.91 3.99 -11.18
N SER A 229 6.31 4.86 -11.99
CA SER A 229 4.91 4.70 -12.36
C SER A 229 4.71 3.50 -13.27
N ALA A 230 5.67 3.23 -14.14
CA ALA A 230 5.58 2.10 -15.06
C ALA A 230 5.49 0.77 -14.32
N ASP A 231 6.43 0.53 -13.41
CA ASP A 231 6.41 -0.71 -12.63
C ASP A 231 5.15 -0.80 -11.78
N LEU A 232 4.79 0.30 -11.12
CA LEU A 232 3.63 0.25 -10.23
C LEU A 232 2.37 -0.04 -11.05
N LEU A 233 2.30 0.48 -12.27
CA LEU A 233 1.14 0.20 -13.12
C LEU A 233 1.14 -1.28 -13.54
N LYS A 234 2.32 -1.86 -13.74
CA LYS A 234 2.41 -3.28 -14.07
C LYS A 234 1.84 -4.14 -12.93
N PHE A 235 2.10 -3.71 -11.70
CA PHE A 235 1.57 -4.42 -10.54
C PHE A 235 0.04 -4.28 -10.52
N VAL A 236 -0.44 -3.09 -10.82
CA VAL A 236 -1.89 -2.91 -10.95
C VAL A 236 -2.45 -3.82 -12.07
N GLU A 237 -1.76 -3.88 -13.21
CA GLU A 237 -2.23 -4.71 -14.32
C GLU A 237 -2.39 -6.17 -13.87
N ALA A 238 -1.49 -6.63 -13.01
CA ALA A 238 -1.54 -7.99 -12.50
C ALA A 238 -2.79 -8.18 -11.61
N ASN A 239 -3.26 -7.09 -11.02
CA ASN A 239 -4.47 -7.12 -10.22
C ASN A 239 -5.76 -7.07 -11.05
N MET A 240 -5.65 -6.77 -12.33
CA MET A 240 -6.82 -6.68 -13.19
C MET A 240 -7.04 -8.05 -13.81
N GLY A 241 -5.97 -8.58 -14.39
CA GLY A 241 -5.95 -9.95 -14.89
C GLY A 241 -4.53 -10.48 -14.94
N TYR A 242 -4.17 -11.29 -13.95
CA TYR A 242 -2.89 -11.98 -13.99
C TYR A 242 -3.11 -13.39 -14.50
N GLN A 243 -2.43 -13.72 -15.59
CA GLN A 243 -2.40 -15.11 -16.00
C GLN A 243 -0.95 -15.57 -16.05
N GLY A 244 -0.60 -16.52 -15.18
CA GLY A 244 0.76 -17.02 -15.12
C GLY A 244 0.83 -18.09 -14.05
N ASP A 245 1.72 -17.91 -13.09
CA ASP A 245 1.86 -18.86 -11.99
C ASP A 245 0.57 -18.87 -11.18
N ALA A 246 -0.04 -20.05 -11.08
CA ALA A 246 -1.31 -20.22 -10.39
C ALA A 246 -1.25 -19.67 -8.95
N ALA A 247 -0.13 -19.94 -8.29
CA ALA A 247 0.06 -19.50 -6.90
C ALA A 247 -0.01 -17.98 -6.75
N LEU A 248 0.68 -17.27 -7.62
CA LEU A 248 0.67 -15.81 -7.57
C LEU A 248 -0.73 -15.30 -7.93
N LYS A 249 -1.40 -15.98 -8.87
CA LYS A 249 -2.76 -15.61 -9.22
C LYS A 249 -3.67 -15.78 -8.00
N SER A 250 -3.53 -16.92 -7.32
CA SER A 250 -4.31 -17.18 -6.11
C SER A 250 -4.00 -16.14 -5.03
N ALA A 251 -2.75 -15.76 -4.91
CA ALA A 251 -2.32 -14.74 -3.94
C ALA A 251 -3.02 -13.39 -4.19
N ILE A 252 -2.96 -12.95 -5.45
CA ILE A 252 -3.58 -11.67 -5.83
C ILE A 252 -5.08 -11.74 -5.53
N ALA A 253 -5.72 -12.84 -5.92
CA ALA A 253 -7.11 -13.07 -5.59
C ALA A 253 -7.38 -12.91 -4.08
N LEU A 254 -6.48 -13.42 -3.23
CA LEU A 254 -6.67 -13.25 -1.80
C LEU A 254 -6.63 -11.78 -1.39
N THR A 255 -5.87 -10.94 -2.10
CA THR A 255 -5.83 -9.54 -1.70
C THR A 255 -7.12 -8.83 -2.12
N HIS A 256 -7.96 -9.50 -2.92
CA HIS A 256 -9.23 -8.90 -3.31
C HIS A 256 -10.36 -9.46 -2.44
N THR A 257 -9.99 -10.16 -1.38
CA THR A 257 -10.98 -10.68 -0.43
C THR A 257 -11.27 -9.62 0.61
N GLY A 258 -12.54 -9.44 1.01
CA GLY A 258 -12.83 -8.47 2.05
C GLY A 258 -13.04 -9.15 3.39
N PHE A 259 -12.47 -8.56 4.44
CA PHE A 259 -12.55 -9.15 5.79
C PHE A 259 -13.48 -8.44 6.76
N HIS A 260 -13.67 -7.14 6.55
CA HIS A 260 -14.64 -6.38 7.30
C HIS A 260 -14.85 -5.08 6.58
N SER A 261 -15.80 -4.28 7.03
CA SER A 261 -16.03 -2.97 6.46
CA SER A 261 -15.97 -2.97 6.45
C SER A 261 -16.06 -1.88 7.51
N VAL A 262 -15.70 -0.67 7.12
CA VAL A 262 -15.87 0.52 7.93
C VAL A 262 -16.60 1.50 7.06
N GLY A 263 -17.85 1.82 7.41
CA GLY A 263 -18.71 2.61 6.55
C GLY A 263 -18.73 1.97 5.17
N GLU A 264 -18.45 2.76 4.14
CA GLU A 264 -18.55 2.27 2.77
C GLU A 264 -17.28 1.60 2.27
N MET A 265 -16.28 1.44 3.15
CA MET A 265 -14.98 0.93 2.72
C MET A 265 -14.83 -0.50 3.18
N THR A 266 -14.40 -1.39 2.29
CA THR A 266 -14.17 -2.78 2.68
C THR A 266 -12.68 -3.06 2.75
N GLN A 267 -12.22 -3.56 3.89
CA GLN A 267 -10.79 -3.80 4.09
C GLN A 267 -10.35 -5.17 3.58
N GLY A 268 -9.39 -5.19 2.67
CA GLY A 268 -8.87 -6.47 2.22
C GLY A 268 -7.45 -6.63 2.74
N LEU A 269 -6.66 -7.48 2.09
CA LEU A 269 -5.23 -7.54 2.40
C LEU A 269 -4.53 -6.46 1.58
N GLY A 270 -4.14 -5.39 2.28
CA GLY A 270 -3.49 -4.26 1.64
C GLY A 270 -4.48 -3.34 0.94
N TRP A 271 -5.16 -3.84 -0.09
CA TRP A 271 -6.16 -3.04 -0.80
C TRP A 271 -7.37 -2.71 0.08
N GLU A 272 -7.85 -1.48 -0.05
CA GLU A 272 -9.16 -1.08 0.47
C GLU A 272 -10.07 -0.87 -0.73
N SER A 273 -11.35 -1.26 -0.63
CA SER A 273 -12.20 -1.17 -1.82
C SER A 273 -13.60 -0.64 -1.53
N TYR A 274 -14.26 -0.21 -2.60
CA TYR A 274 -15.57 0.40 -2.58
C TYR A 274 -16.42 -0.25 -3.65
N ASP A 275 -17.72 -0.31 -3.39
CA ASP A 275 -18.70 -0.69 -4.39
C ASP A 275 -18.60 0.28 -5.56
N TYR A 276 -18.60 -0.22 -6.79
CA TYR A 276 -18.55 0.65 -7.97
C TYR A 276 -19.89 0.68 -8.71
N PRO A 277 -20.31 1.86 -9.20
CA PRO A 277 -19.68 3.20 -9.16
C PRO A 277 -19.63 3.82 -7.77
N VAL A 278 -18.61 4.63 -7.53
CA VAL A 278 -18.46 5.27 -6.22
C VAL A 278 -18.34 6.78 -6.40
N THR A 279 -19.02 7.54 -5.55
CA THR A 279 -18.96 9.00 -5.62
C THR A 279 -17.68 9.51 -4.96
N GLU A 280 -17.33 10.76 -5.26
CA GLU A 280 -16.17 11.42 -4.68
C GLU A 280 -16.29 11.55 -3.17
N GLN A 281 -17.49 11.86 -2.69
CA GLN A 281 -17.70 12.07 -1.26
C GLN A 281 -17.42 10.80 -0.47
N VAL A 282 -17.82 9.66 -1.01
CA VAL A 282 -17.62 8.38 -0.33
C VAL A 282 -16.14 7.98 -0.34
N LEU A 283 -15.49 8.23 -1.46
CA LEU A 283 -14.07 7.93 -1.60
C LEU A 283 -13.23 8.81 -0.67
N LEU A 284 -13.62 10.06 -0.52
CA LEU A 284 -12.90 10.97 0.37
C LEU A 284 -13.05 10.51 1.82
N ALA A 285 -14.29 10.15 2.17
CA ALA A 285 -14.62 9.75 3.54
C ALA A 285 -13.85 8.51 3.94
N GLY A 286 -13.79 7.54 3.03
CA GLY A 286 -13.11 6.29 3.32
C GLY A 286 -11.61 6.48 3.48
N ASN A 287 -11.09 7.56 2.91
CA ASN A 287 -9.67 7.89 3.00
C ASN A 287 -9.39 9.08 3.92
N SER A 288 -10.34 9.42 4.78
CA SER A 288 -10.17 10.60 5.63
C SER A 288 -9.48 10.25 6.97
N PRO A 289 -9.03 11.26 7.71
CA PRO A 289 -8.46 11.03 9.05
C PRO A 289 -9.42 10.27 9.97
N ALA A 290 -10.72 10.44 9.75
CA ALA A 290 -11.74 9.78 10.55
C ALA A 290 -11.56 8.26 10.48
N VAL A 291 -11.16 7.77 9.32
CA VAL A 291 -10.98 6.34 9.12
C VAL A 291 -9.52 5.93 9.37
N SER A 292 -8.58 6.80 9.04
CA SER A 292 -7.17 6.40 9.05
C SER A 292 -6.42 6.72 10.34
N PHE A 293 -6.91 7.67 11.13
CA PHE A 293 -6.10 8.12 12.26
C PHE A 293 -6.73 7.84 13.61
N GLN A 294 -7.81 7.07 13.60
CA GLN A 294 -8.43 6.66 14.85
C GLN A 294 -9.04 5.27 14.70
N ALA A 295 -9.32 4.62 15.83
CA ALA A 295 -9.95 3.31 15.79
C ALA A 295 -11.43 3.47 15.46
N ASN A 296 -11.95 2.57 14.63
CA ASN A 296 -13.39 2.51 14.36
C ASN A 296 -13.89 1.09 14.57
N PRO A 297 -15.12 0.95 15.07
CA PRO A 297 -15.66 -0.40 15.16
C PRO A 297 -15.94 -0.89 13.74
N VAL A 298 -15.74 -2.16 13.44
CA VAL A 298 -16.00 -2.62 12.09
C VAL A 298 -17.34 -3.29 11.97
N THR A 299 -17.81 -3.37 10.73
CA THR A 299 -18.89 -4.26 10.38
C THR A 299 -18.24 -5.59 10.09
N ARG A 300 -18.50 -6.58 10.93
CA ARG A 300 -17.85 -7.87 10.79
C ARG A 300 -18.51 -8.64 9.68
N PHE A 301 -17.75 -9.52 9.04
CA PHE A 301 -18.28 -10.43 8.02
C PHE A 301 -18.43 -11.81 8.63
N ALA A 302 -19.50 -12.51 8.27
CA ALA A 302 -19.65 -13.90 8.67
C ALA A 302 -18.43 -14.73 8.24
N VAL A 303 -18.03 -14.55 6.98
CA VAL A 303 -16.80 -15.17 6.45
C VAL A 303 -16.16 -14.18 5.49
N PRO A 304 -14.84 -14.30 5.26
CA PRO A 304 -14.22 -13.41 4.27
C PRO A 304 -14.91 -13.57 2.92
N LYS A 305 -15.00 -12.49 2.16
CA LYS A 305 -15.83 -12.47 0.97
C LYS A 305 -15.04 -12.01 -0.24
N ALA A 306 -15.08 -12.79 -1.32
CA ALA A 306 -14.44 -12.37 -2.57
C ALA A 306 -15.14 -11.14 -3.11
N MET A 307 -14.45 -10.00 -3.22
CA MET A 307 -15.14 -8.75 -3.52
C MET A 307 -15.44 -8.57 -5.03
N GLY A 308 -14.64 -9.20 -5.87
CA GLY A 308 -14.94 -9.27 -7.29
C GLY A 308 -14.50 -8.07 -8.13
N GLU A 309 -15.15 -7.89 -9.28
CA GLU A 309 -14.64 -6.96 -10.29
C GLU A 309 -15.34 -5.61 -10.27
N GLN A 310 -16.59 -5.58 -9.79
CA GLN A 310 -17.36 -4.35 -9.75
C GLN A 310 -17.05 -3.52 -8.50
N ARG A 311 -15.77 -3.19 -8.37
CA ARG A 311 -15.24 -2.51 -7.20
C ARG A 311 -14.22 -1.47 -7.63
N LEU A 312 -14.06 -0.42 -6.86
CA LEU A 312 -12.87 0.41 -6.99
C LEU A 312 -11.94 -0.02 -5.87
N TYR A 313 -10.75 -0.47 -6.24
CA TYR A 313 -9.71 -0.80 -5.29
C TYR A 313 -8.72 0.36 -5.19
N ASN A 314 -8.29 0.73 -3.97
CA ASN A 314 -7.27 1.76 -3.86
C ASN A 314 -6.33 1.62 -2.67
N LYS A 315 -5.24 2.39 -2.70
CA LYS A 315 -4.36 2.56 -1.54
C LYS A 315 -3.64 3.89 -1.58
N THR A 316 -3.65 4.62 -0.46
CA THR A 316 -2.89 5.87 -0.36
C THR A 316 -1.51 5.56 0.22
N GLY A 317 -0.55 6.45 -0.03
CA GLY A 317 0.81 6.25 0.48
C GLY A 317 1.56 7.54 0.64
N SER A 318 2.23 7.71 1.78
CA SER A 318 3.01 8.91 2.05
C SER A 318 4.29 8.64 2.83
N THR A 319 5.35 9.36 2.51
CA THR A 319 6.52 9.44 3.40
C THR A 319 6.75 10.91 3.72
N GLY A 320 7.83 11.21 4.43
CA GLY A 320 8.14 12.59 4.76
C GLY A 320 8.16 13.52 3.55
N GLY A 321 8.66 13.04 2.43
CA GLY A 321 8.82 13.89 1.26
C GLY A 321 8.04 13.43 0.03
N PHE A 322 7.20 12.42 0.19
CA PHE A 322 6.51 11.81 -0.96
C PHE A 322 5.03 11.57 -0.72
N GLY A 323 4.24 11.65 -1.80
CA GLY A 323 2.82 11.35 -1.74
C GLY A 323 2.37 10.54 -2.95
N ALA A 324 1.78 9.37 -2.69
CA ALA A 324 1.37 8.46 -3.75
C ALA A 324 -0.11 8.08 -3.64
N TYR A 325 -0.71 7.70 -4.76
CA TYR A 325 -2.07 7.17 -4.73
C TYR A 325 -2.30 6.23 -5.90
N VAL A 326 -2.98 5.12 -5.64
CA VAL A 326 -3.32 4.15 -6.66
C VAL A 326 -4.76 3.71 -6.56
N ALA A 327 -5.45 3.63 -7.70
CA ALA A 327 -6.84 3.19 -7.74
C ALA A 327 -7.11 2.43 -9.03
N PHE A 328 -7.90 1.37 -8.96
CA PHE A 328 -8.30 0.64 -10.16
C PHE A 328 -9.68 0.00 -10.06
N VAL A 329 -10.26 -0.26 -11.23
CA VAL A 329 -11.63 -0.76 -11.32
C VAL A 329 -11.65 -1.91 -12.32
N PRO A 330 -11.51 -3.15 -11.86
CA PRO A 330 -11.34 -4.27 -12.78
C PRO A 330 -12.45 -4.42 -13.83
N ALA A 331 -13.71 -4.27 -13.45
CA ALA A 331 -14.79 -4.47 -14.42
C ALA A 331 -14.74 -3.47 -15.58
N ARG A 332 -14.12 -2.32 -15.37
CA ARG A 332 -14.09 -1.29 -16.41
C ARG A 332 -12.71 -1.17 -17.04
N GLY A 333 -11.75 -1.97 -16.56
CA GLY A 333 -10.42 -1.98 -17.13
C GLY A 333 -9.73 -0.63 -17.09
N ILE A 334 -9.86 0.07 -15.96
CA ILE A 334 -9.20 1.36 -15.82
C ILE A 334 -8.43 1.44 -14.51
N ALA A 335 -7.34 2.19 -14.52
CA ALA A 335 -6.55 2.37 -13.31
C ALA A 335 -5.78 3.66 -13.40
N ILE A 336 -5.40 4.20 -12.25
CA ILE A 336 -4.52 5.36 -12.26
C ILE A 336 -3.49 5.23 -11.15
N VAL A 337 -2.26 5.61 -11.48
CA VAL A 337 -1.16 5.69 -10.53
C VAL A 337 -0.68 7.15 -10.47
N MET A 338 -0.51 7.70 -9.27
CA MET A 338 -0.03 9.06 -9.12
C MET A 338 1.10 9.08 -8.11
N LEU A 339 2.32 9.36 -8.57
CA LEU A 339 3.46 9.38 -7.67
C LEU A 339 4.11 10.77 -7.62
N ALA A 340 4.12 11.40 -6.44
CA ALA A 340 4.67 12.76 -6.30
C ALA A 340 5.80 12.85 -5.29
N ASN A 341 6.70 13.81 -5.47
CA ASN A 341 7.78 14.01 -4.52
C ASN A 341 7.49 15.19 -3.57
N ARG A 342 6.23 15.29 -3.17
CA ARG A 342 5.83 16.07 -2.01
C ARG A 342 4.65 15.35 -1.35
N ASN A 343 4.67 15.27 -0.03
CA ASN A 343 3.55 14.70 0.73
C ASN A 343 2.39 15.69 0.75
N TYR A 344 1.57 15.69 -0.30
CA TYR A 344 0.50 16.68 -0.40
C TYR A 344 -0.83 16.02 0.02
N PRO A 345 -1.83 16.83 0.42
CA PRO A 345 -3.07 16.30 1.01
C PRO A 345 -3.72 15.14 0.24
N ILE A 346 -4.00 14.06 0.96
CA ILE A 346 -4.67 12.90 0.38
C ILE A 346 -5.99 13.30 -0.28
N GLU A 347 -6.64 14.29 0.32
CA GLU A 347 -7.90 14.82 -0.21
CA GLU A 347 -7.89 14.83 -0.21
C GLU A 347 -7.76 15.21 -1.68
N ALA A 348 -6.66 15.85 -2.03
CA ALA A 348 -6.45 16.30 -3.42
C ALA A 348 -6.11 15.13 -4.34
N ARG A 349 -5.38 14.15 -3.82
CA ARG A 349 -5.04 12.97 -4.61
C ARG A 349 -6.33 12.28 -5.03
N VAL A 350 -7.21 12.09 -4.05
CA VAL A 350 -8.47 11.39 -4.29
C VAL A 350 -9.37 12.10 -5.30
N LYS A 351 -9.49 13.58 -5.16
CA LYS A 351 -10.34 14.27 -6.12
C LYS A 351 -9.78 14.13 -7.54
N ALA A 352 -8.53 14.31 -7.61
CA ALA A 352 -7.87 14.21 -8.90
C ALA A 352 -8.11 12.84 -9.55
N ALA A 353 -7.84 11.77 -8.80
CA ALA A 353 -8.00 10.41 -9.34
C ALA A 353 -9.44 10.13 -9.73
N HIS A 354 -10.38 10.55 -8.88
CA HIS A 354 -11.79 10.32 -9.16
C HIS A 354 -12.21 11.03 -10.44
N ALA A 355 -11.77 12.27 -10.59
CA ALA A 355 -12.07 13.02 -11.80
C ALA A 355 -11.47 12.35 -13.04
N ILE A 356 -10.27 11.81 -12.91
CA ILE A 356 -9.63 11.16 -14.04
C ILE A 356 -10.30 9.84 -14.35
N LEU A 357 -10.52 8.99 -13.35
CA LEU A 357 -11.13 7.71 -13.59
C LEU A 357 -12.53 7.87 -14.17
N SER A 358 -13.23 8.87 -13.70
CA SER A 358 -14.57 9.13 -14.17
C SER A 358 -14.55 9.32 -15.65
N GLN A 359 -13.57 10.04 -16.14
CA GLN A 359 -13.43 10.26 -17.56
C GLN A 359 -12.96 9.03 -18.31
N LEU A 360 -12.07 8.28 -17.73
CA LEU A 360 -11.59 7.06 -18.34
C LEU A 360 -12.70 6.10 -18.58
N ALA A 361 -13.75 6.16 -17.79
CA ALA A 361 -14.78 5.14 -17.83
C ALA A 361 -15.64 5.37 -19.03
N GLU A 362 -16.23 6.54 -18.99
CA GLU A 362 -17.04 7.12 -20.03
C GLU A 362 -17.15 6.38 -21.33
#